data_5LKX
#
_entry.id   5LKX
#
_cell.length_a   93.810
_cell.length_b   155.260
_cell.length_c   109.790
_cell.angle_alpha   90.00
_cell.angle_beta   90.00
_cell.angle_gamma   90.00
#
_symmetry.space_group_name_H-M   'C 2 2 21'
#
loop_
_entity.id
_entity.type
_entity.pdbx_description
1 polymer 'Histone acetyltransferase p300,Histone acetyltransferase p300'
2 non-polymer 'ZINC ION'
3 non-polymer 'propionyl Coenzyme A'
4 non-polymer 'DIMETHYL SULFOXIDE'
5 non-polymer GLYCEROL
6 water water
#
_entity_poly.entity_id   1
_entity_poly.type   'polypeptide(L)'
_entity_poly.pdbx_seq_one_letter_code
;GAMAGKAVPMQSKKKIFKPEELRQALMPTLEALYRQDPESLPFRQPVDPQLLGIPDYFDIVKSPMDLSTIKRKLDTGQYQ
EPWQYVDDIWLMFNNAWLYNRKTSRVYKYCSKLSEVFEQEIDPVMQSLGYCCGRKLEFSPQTLCCYGKQLCTIPRDATYY
SYQNRYHFCEKCFNEIQGESVSLGDDPSQPQTTINKEQFSKRKNDTLDPELFVECTECGRKMHQICVLHHEIIWPAGFVC
DGCLKKSARTRKENKFSAKRLPSTRLGTFLENRVNDFLRRQNHPESGEVTVRVVHASDKTVEVKPGMKARFVDSGEMAES
FPYRTKALFAFEEIDGVDLCFFGMHVQEYGSDCPPPNQRRVYISYLDSVHFFRPKCLRTAVYHEILIGYLEYVKKLGYTT
GHIWACPPSEGDDYIFHCHPPDQKIPKPKRLQEWFKKMLDKAVSERIVHDYKDIFKQATEDRLTSAKELPYFEGDFWPNV
LEESIKESGGSGSQKLYATMEKHKEVFFVIRLIAGPAANSLPPIVDPDPLIPCDLMDGRDAFLTLARDKHLEFSSLRRAQ
WSTMCMLVELHTQSQDRF
;
_entity_poly.pdbx_strand_id   A
#
# COMPACT_ATOMS: atom_id res chain seq x y z
N LYS A 14 12.29 -30.46 -19.43
CA LYS A 14 13.21 -30.49 -20.58
C LYS A 14 14.67 -30.18 -20.19
N LYS A 15 14.93 -28.95 -19.75
CA LYS A 15 16.29 -28.59 -19.34
C LYS A 15 16.76 -29.47 -18.19
N ILE A 16 17.67 -30.38 -18.51
CA ILE A 16 18.30 -31.25 -17.54
C ILE A 16 19.64 -30.67 -17.12
N PHE A 17 19.77 -30.42 -15.83
CA PHE A 17 21.05 -30.02 -15.27
C PHE A 17 21.90 -31.23 -14.95
N LYS A 18 22.96 -31.44 -15.73
CA LYS A 18 23.91 -32.52 -15.47
C LYS A 18 24.57 -32.22 -14.12
N PRO A 19 24.72 -33.22 -13.25
CA PRO A 19 25.26 -32.96 -11.91
C PRO A 19 26.60 -32.26 -11.88
N GLU A 20 27.41 -32.43 -12.92
CA GLU A 20 28.68 -31.72 -12.96
C GLU A 20 28.43 -30.25 -13.27
N GLU A 21 27.44 -30.01 -14.12
CA GLU A 21 27.04 -28.66 -14.48
C GLU A 21 26.70 -27.88 -13.20
N LEU A 22 25.92 -28.52 -12.33
CA LEU A 22 25.51 -27.90 -11.07
C LEU A 22 26.66 -27.72 -10.09
N ARG A 23 27.48 -28.75 -9.97
CA ARG A 23 28.65 -28.72 -9.12
C ARG A 23 29.58 -27.57 -9.53
N GLN A 24 29.90 -27.53 -10.80
CA GLN A 24 30.80 -26.52 -11.31
C GLN A 24 30.24 -25.11 -11.04
N ALA A 25 28.94 -24.97 -11.21
CA ALA A 25 28.30 -23.65 -11.12
C ALA A 25 28.13 -23.20 -9.67
N LEU A 26 27.77 -24.13 -8.80
CA LEU A 26 27.33 -23.80 -7.45
C LEU A 26 28.41 -23.91 -6.40
N MET A 27 29.36 -24.83 -6.60
CA MET A 27 30.41 -25.05 -5.61
C MET A 27 31.20 -23.80 -5.28
N PRO A 28 31.46 -22.94 -6.28
CA PRO A 28 32.13 -21.70 -5.89
C PRO A 28 31.32 -20.91 -4.85
N THR A 29 29.98 -21.01 -4.88
CA THR A 29 29.17 -20.25 -3.93
C THR A 29 29.31 -20.89 -2.55
N LEU A 30 29.46 -22.22 -2.52
CA LEU A 30 29.64 -22.91 -1.25
C LEU A 30 31.04 -22.65 -0.65
N GLU A 31 32.06 -22.67 -1.51
CA GLU A 31 33.41 -22.31 -1.05
C GLU A 31 33.46 -20.89 -0.47
N ALA A 32 32.65 -19.99 -1.01
CA ALA A 32 32.67 -18.61 -0.55
C ALA A 32 32.25 -18.53 0.91
N LEU A 33 31.37 -19.44 1.31
CA LEU A 33 30.93 -19.51 2.71
C LEU A 33 32.02 -20.17 3.58
N TYR A 34 32.55 -21.30 3.10
CA TYR A 34 33.65 -22.00 3.81
C TYR A 34 34.79 -21.07 4.20
N ARG A 35 35.23 -20.25 3.25
CA ARG A 35 36.35 -19.33 3.34
C ARG A 35 36.16 -18.20 4.37
N GLN A 36 35.01 -18.20 5.05
CA GLN A 36 34.73 -17.20 6.07
C GLN A 36 35.13 -17.73 7.43
N ASP A 37 36.22 -17.23 7.98
CA ASP A 37 36.71 -17.64 9.29
C ASP A 37 36.59 -16.41 10.17
N PRO A 38 36.07 -16.53 11.38
CA PRO A 38 35.59 -17.76 12.00
C PRO A 38 34.11 -18.06 11.72
N GLU A 39 33.42 -17.18 11.00
CA GLU A 39 31.95 -17.27 10.84
C GLU A 39 31.48 -18.63 10.38
N SER A 40 32.21 -19.21 9.44
CA SER A 40 31.87 -20.50 8.85
C SER A 40 31.93 -21.68 9.81
N LEU A 41 32.80 -21.58 10.82
CA LEU A 41 33.18 -22.75 11.62
C LEU A 41 31.99 -23.47 12.25
N PRO A 42 31.12 -22.73 12.96
CA PRO A 42 29.93 -23.32 13.56
C PRO A 42 29.04 -24.09 12.56
N PHE A 43 29.23 -23.90 11.26
CA PHE A 43 28.31 -24.48 10.26
C PHE A 43 28.94 -25.55 9.37
N ARG A 44 30.20 -25.91 9.64
CA ARG A 44 30.95 -26.78 8.74
C ARG A 44 30.69 -28.27 8.97
N GLN A 45 30.17 -28.61 10.13
CA GLN A 45 29.85 -30.00 10.43
C GLN A 45 28.47 -30.11 11.07
N PRO A 46 27.80 -31.26 10.92
CA PRO A 46 26.50 -31.47 11.58
C PRO A 46 26.56 -31.18 13.09
N VAL A 47 25.58 -30.43 13.58
CA VAL A 47 25.49 -30.12 15.00
C VAL A 47 25.39 -31.40 15.83
N ASP A 48 26.35 -31.63 16.71
CA ASP A 48 26.25 -32.67 17.74
C ASP A 48 25.71 -32.04 19.02
N PRO A 49 24.42 -32.24 19.33
CA PRO A 49 23.80 -31.51 20.43
C PRO A 49 24.48 -31.72 21.78
N GLN A 50 24.86 -32.96 22.08
CA GLN A 50 25.43 -33.28 23.38
C GLN A 50 26.88 -32.80 23.49
N LEU A 51 27.70 -33.11 22.50
CA LEU A 51 29.06 -32.61 22.46
C LEU A 51 29.10 -31.09 22.60
N LEU A 52 28.16 -30.41 21.94
CA LEU A 52 28.10 -28.95 21.95
C LEU A 52 27.35 -28.44 23.18
N GLY A 53 27.04 -29.33 24.11
CA GLY A 53 26.42 -28.97 25.37
C GLY A 53 25.05 -28.33 25.19
N ILE A 54 24.26 -28.91 24.29
CA ILE A 54 22.95 -28.37 23.97
C ILE A 54 21.96 -29.50 23.65
N PRO A 55 21.16 -29.91 24.64
CA PRO A 55 20.31 -31.10 24.49
C PRO A 55 19.02 -30.83 23.72
N ASP A 56 18.42 -29.67 23.94
CA ASP A 56 17.12 -29.37 23.35
C ASP A 56 17.18 -28.99 21.88
N TYR A 57 18.35 -29.12 21.25
CA TYR A 57 18.52 -28.65 19.88
C TYR A 57 17.52 -29.32 18.94
N PHE A 58 17.37 -30.63 19.09
CA PHE A 58 16.46 -31.38 18.24
C PHE A 58 14.99 -31.25 18.65
N ASP A 59 14.72 -30.55 19.76
CA ASP A 59 13.34 -30.19 20.10
C ASP A 59 12.89 -28.98 19.29
N ILE A 60 13.86 -28.16 18.88
CA ILE A 60 13.62 -26.95 18.11
C ILE A 60 13.88 -27.17 16.61
N VAL A 61 15.05 -27.72 16.31
CA VAL A 61 15.49 -27.92 14.93
C VAL A 61 15.16 -29.33 14.51
N LYS A 62 14.21 -29.45 13.60
CA LYS A 62 13.70 -30.75 13.19
C LYS A 62 14.29 -31.20 11.86
N SER A 63 14.91 -30.29 11.11
CA SER A 63 15.56 -30.64 9.85
C SER A 63 16.96 -30.06 9.81
N PRO A 64 17.90 -30.72 10.50
CA PRO A 64 19.27 -30.22 10.59
C PRO A 64 19.93 -30.12 9.23
N MET A 65 20.85 -29.16 9.08
CA MET A 65 21.56 -29.00 7.84
C MET A 65 22.84 -28.23 8.07
N ASP A 66 23.88 -28.54 7.30
CA ASP A 66 25.18 -27.91 7.45
C ASP A 66 25.96 -27.98 6.14
N LEU A 67 27.06 -27.25 6.09
CA LEU A 67 27.88 -27.15 4.87
C LEU A 67 28.37 -28.49 4.35
N SER A 68 28.79 -29.36 5.25
CA SER A 68 29.36 -30.66 4.86
C SER A 68 28.29 -31.49 4.15
N THR A 69 27.10 -31.51 4.74
CA THR A 69 26.00 -32.26 4.19
C THR A 69 25.66 -31.73 2.79
N ILE A 70 25.73 -30.40 2.64
CA ILE A 70 25.42 -29.77 1.38
C ILE A 70 26.55 -30.06 0.36
N LYS A 71 27.79 -29.85 0.76
CA LYS A 71 28.91 -30.25 -0.09
C LYS A 71 28.75 -31.70 -0.61
N ARG A 72 28.38 -32.61 0.29
CA ARG A 72 28.27 -34.01 -0.08
C ARG A 72 27.16 -34.24 -1.10
N LYS A 73 26.01 -33.61 -0.89
CA LYS A 73 24.88 -33.80 -1.80
C LYS A 73 25.24 -33.26 -3.17
N LEU A 74 26.06 -32.20 -3.17
CA LEU A 74 26.51 -31.54 -4.38
C LEU A 74 27.55 -32.38 -5.13
N ASP A 75 28.54 -32.86 -4.40
CA ASP A 75 29.55 -33.77 -4.97
C ASP A 75 28.96 -35.07 -5.56
N THR A 76 27.91 -35.59 -4.93
CA THR A 76 27.31 -36.87 -5.32
C THR A 76 26.02 -36.74 -6.14
N GLY A 77 25.76 -35.55 -6.69
CA GLY A 77 24.67 -35.37 -7.64
C GLY A 77 23.27 -35.58 -7.09
N GLN A 78 23.03 -35.19 -5.83
CA GLN A 78 21.72 -35.36 -5.21
C GLN A 78 20.74 -34.22 -5.51
N TYR A 79 21.22 -33.17 -6.18
CA TYR A 79 20.34 -32.06 -6.56
C TYR A 79 20.00 -32.11 -8.04
N GLN A 80 18.71 -32.09 -8.36
CA GLN A 80 18.28 -32.12 -9.75
C GLN A 80 18.26 -30.72 -10.35
N GLU A 81 18.03 -29.72 -9.50
CA GLU A 81 17.98 -28.33 -9.95
C GLU A 81 18.47 -27.37 -8.83
N PRO A 82 18.99 -26.20 -9.22
CA PRO A 82 19.76 -25.39 -8.26
C PRO A 82 18.96 -24.84 -7.07
N TRP A 83 17.62 -24.67 -7.20
CA TRP A 83 16.84 -24.15 -6.08
C TRP A 83 16.88 -25.11 -4.87
N GLN A 84 17.03 -26.40 -5.14
CA GLN A 84 17.15 -27.37 -4.06
C GLN A 84 18.42 -27.11 -3.23
N TYR A 85 19.48 -26.69 -3.90
CA TYR A 85 20.71 -26.27 -3.22
C TYR A 85 20.43 -25.01 -2.40
N VAL A 86 19.84 -24.02 -3.03
CA VAL A 86 19.48 -22.77 -2.33
C VAL A 86 18.60 -23.05 -1.10
N ASP A 87 17.62 -23.94 -1.21
CA ASP A 87 16.72 -24.25 -0.08
C ASP A 87 17.45 -24.82 1.14
N ASP A 88 18.39 -25.72 0.88
CA ASP A 88 19.22 -26.26 1.94
C ASP A 88 20.09 -25.20 2.59
N ILE A 89 20.69 -24.34 1.78
CA ILE A 89 21.51 -23.27 2.34
C ILE A 89 20.63 -22.47 3.30
N TRP A 90 19.44 -22.08 2.85
CA TRP A 90 18.58 -21.24 3.66
C TRP A 90 18.02 -22.03 4.85
N LEU A 91 17.92 -23.34 4.71
CA LEU A 91 17.49 -24.14 5.86
C LEU A 91 18.54 -24.08 6.95
N MET A 92 19.79 -24.29 6.55
CA MET A 92 20.91 -24.13 7.47
C MET A 92 20.83 -22.76 8.17
N PHE A 93 20.70 -21.69 7.39
CA PHE A 93 20.70 -20.37 8.02
C PHE A 93 19.52 -20.20 8.99
N ASN A 94 18.30 -20.55 8.55
CA ASN A 94 17.12 -20.36 9.39
C ASN A 94 17.14 -21.26 10.62
N ASN A 95 17.76 -22.43 10.50
CA ASN A 95 17.95 -23.28 11.69
C ASN A 95 18.75 -22.56 12.77
N ALA A 96 19.82 -21.89 12.35
CA ALA A 96 20.67 -21.15 13.26
C ALA A 96 19.96 -19.88 13.80
N TRP A 97 19.28 -19.11 12.95
CA TRP A 97 18.49 -17.97 13.41
C TRP A 97 17.35 -18.37 14.34
N LEU A 98 16.85 -19.60 14.18
CA LEU A 98 15.79 -20.11 15.05
C LEU A 98 16.33 -20.49 16.43
N TYR A 99 17.36 -21.34 16.46
CA TYR A 99 17.81 -21.86 17.75
C TYR A 99 18.57 -20.84 18.60
N ASN A 100 19.40 -20.01 17.96
CA ASN A 100 20.26 -19.07 18.69
C ASN A 100 19.61 -17.70 18.93
N ARG A 101 19.99 -17.04 20.02
CA ARG A 101 19.47 -15.70 20.35
C ARG A 101 19.97 -14.65 19.37
N LYS A 102 19.12 -13.64 19.11
CA LYS A 102 19.46 -12.54 18.20
C LYS A 102 20.79 -11.88 18.58
N THR A 103 21.15 -11.99 19.85
CA THR A 103 22.31 -11.34 20.40
C THR A 103 23.53 -12.26 20.44
N SER A 104 23.35 -13.51 20.04
CA SER A 104 24.37 -14.52 20.26
C SER A 104 25.45 -14.46 19.20
N ARG A 105 26.45 -15.32 19.37
CA ARG A 105 27.60 -15.39 18.48
C ARG A 105 27.24 -16.05 17.15
N VAL A 106 26.60 -17.20 17.25
CA VAL A 106 26.31 -18.01 16.07
C VAL A 106 25.32 -17.26 15.16
N TYR A 107 24.40 -16.54 15.79
CA TYR A 107 23.38 -15.80 15.07
C TYR A 107 24.00 -14.78 14.12
N LYS A 108 24.89 -13.96 14.66
CA LYS A 108 25.55 -12.92 13.87
C LYS A 108 26.47 -13.51 12.81
N TYR A 109 27.14 -14.62 13.15
CA TYR A 109 27.94 -15.36 12.18
C TYR A 109 27.09 -15.81 11.00
N CYS A 110 25.91 -16.33 11.33
CA CYS A 110 24.96 -16.84 10.35
C CYS A 110 24.55 -15.72 9.41
N SER A 111 24.15 -14.59 10.00
CA SER A 111 23.87 -13.37 9.26
C SER A 111 24.97 -12.96 8.28
N LYS A 112 26.22 -13.08 8.69
CA LYS A 112 27.34 -12.72 7.82
C LYS A 112 27.42 -13.67 6.63
N LEU A 113 27.33 -14.97 6.91
CA LEU A 113 27.32 -15.98 5.83
C LEU A 113 26.19 -15.71 4.83
N SER A 114 25.01 -15.35 5.31
CA SER A 114 23.84 -15.21 4.44
C SER A 114 24.04 -14.04 3.48
N GLU A 115 24.66 -12.97 3.98
CA GLU A 115 25.04 -11.82 3.16
C GLU A 115 26.04 -12.21 2.08
N VAL A 116 27.05 -12.98 2.44
CA VAL A 116 27.99 -13.49 1.44
C VAL A 116 27.22 -14.32 0.41
N PHE A 117 26.31 -15.14 0.93
CA PHE A 117 25.60 -16.03 0.03
C PHE A 117 24.74 -15.24 -0.96
N GLU A 118 23.96 -14.27 -0.47
CA GLU A 118 23.04 -13.53 -1.33
CA GLU A 118 23.05 -13.46 -1.29
C GLU A 118 23.81 -12.88 -2.47
N GLN A 119 24.98 -12.33 -2.15
CA GLN A 119 25.81 -11.70 -3.17
C GLN A 119 26.39 -12.71 -4.15
N GLU A 120 26.78 -13.88 -3.66
CA GLU A 120 27.30 -14.92 -4.54
C GLU A 120 26.22 -15.55 -5.43
N ILE A 121 25.06 -15.84 -4.86
CA ILE A 121 24.14 -16.76 -5.51
C ILE A 121 23.39 -16.13 -6.68
N ASP A 122 23.13 -14.83 -6.60
CA ASP A 122 22.27 -14.18 -7.59
C ASP A 122 22.83 -14.26 -9.02
N PRO A 123 24.08 -13.83 -9.24
CA PRO A 123 24.62 -13.93 -10.61
C PRO A 123 24.82 -15.37 -11.11
N VAL A 124 25.12 -16.30 -10.21
CA VAL A 124 25.18 -17.69 -10.63
C VAL A 124 23.84 -18.21 -11.12
N MET A 125 22.78 -17.98 -10.36
CA MET A 125 21.48 -18.43 -10.78
C MET A 125 21.10 -17.82 -12.12
N GLN A 126 21.42 -16.55 -12.32
CA GLN A 126 21.12 -15.93 -13.59
C GLN A 126 21.92 -16.59 -14.72
N SER A 127 23.14 -17.02 -14.45
CA SER A 127 23.93 -17.73 -15.48
C SER A 127 23.26 -19.01 -15.89
N LEU A 128 22.49 -19.58 -14.98
CA LEU A 128 21.86 -20.87 -15.22
C LEU A 128 20.49 -20.74 -15.87
N GLY A 129 20.13 -19.51 -16.25
CA GLY A 129 18.92 -19.24 -17.01
C GLY A 129 17.74 -18.77 -16.17
N TYR A 130 18.00 -18.36 -14.92
CA TYR A 130 16.95 -18.02 -13.98
C TYR A 130 16.75 -16.49 -13.85
N CYS A 131 15.54 -16.09 -13.48
CA CYS A 131 15.22 -14.68 -13.22
C CYS A 131 16.23 -14.06 -12.27
N CYS A 132 16.49 -14.78 -11.18
CA CYS A 132 17.39 -14.28 -10.14
C CYS A 132 17.68 -15.45 -9.21
N GLY A 133 18.61 -15.24 -8.27
CA GLY A 133 18.87 -16.25 -7.26
C GLY A 133 18.48 -15.83 -5.84
N ARG A 134 17.64 -14.82 -5.71
CA ARG A 134 17.27 -14.34 -4.38
C ARG A 134 16.22 -15.19 -3.68
N LYS A 135 16.33 -15.21 -2.35
CA LYS A 135 15.34 -15.75 -1.48
C LYS A 135 14.34 -14.69 -1.09
N LEU A 136 13.11 -14.81 -1.55
CA LEU A 136 12.16 -13.68 -1.47
C LEU A 136 10.91 -14.02 -0.67
N GLU A 137 10.53 -13.13 0.21
CA GLU A 137 9.45 -13.41 1.15
C GLU A 137 8.67 -12.12 1.27
N PHE A 138 7.40 -12.20 1.61
CA PHE A 138 6.59 -11.00 1.69
C PHE A 138 6.77 -10.31 3.03
N SER A 139 6.44 -9.01 3.05
CA SER A 139 6.49 -8.21 4.27
C SER A 139 5.51 -8.75 5.33
N PRO A 140 5.89 -8.69 6.61
CA PRO A 140 4.93 -9.21 7.61
C PRO A 140 3.75 -8.26 7.85
N GLN A 141 2.54 -8.79 7.90
CA GLN A 141 1.36 -7.96 8.20
C GLN A 141 1.41 -7.44 9.64
N THR A 142 0.83 -6.26 9.85
CA THR A 142 0.71 -5.69 11.18
C THR A 142 -0.46 -6.33 11.93
N LEU A 143 -0.19 -6.85 13.12
CA LEU A 143 -1.22 -7.43 13.98
C LEU A 143 -1.79 -6.44 14.99
N CYS A 144 -3.08 -6.19 14.89
CA CYS A 144 -3.78 -5.29 15.81
C CYS A 144 -3.99 -5.94 17.18
N CYS A 145 -4.90 -5.40 17.95
CA CYS A 145 -5.19 -5.89 19.29
C CYS A 145 -6.62 -5.57 19.69
N TYR A 146 -7.43 -6.60 19.86
CA TYR A 146 -8.83 -6.43 20.25
C TYR A 146 -8.95 -5.75 21.64
N GLY A 147 -7.87 -5.76 22.43
CA GLY A 147 -7.84 -5.22 23.79
C GLY A 147 -8.01 -3.71 23.91
N LYS A 148 -7.44 -2.96 22.96
CA LYS A 148 -7.60 -1.48 22.87
C LYS A 148 -7.84 -1.00 21.43
N GLN A 149 -7.97 0.31 21.24
CA GLN A 149 -8.41 0.88 19.96
C GLN A 149 -7.40 0.72 18.82
N LEU A 150 -6.20 1.30 18.99
CA LEU A 150 -5.12 1.15 18.02
C LEU A 150 -3.84 0.69 18.74
N CYS A 151 -3.98 -0.36 19.53
CA CYS A 151 -2.81 -1.10 20.03
C CYS A 151 -2.35 -2.03 18.91
N THR A 152 -1.06 -2.34 18.89
CA THR A 152 -0.45 -3.12 17.81
C THR A 152 0.70 -4.00 18.33
N ILE A 153 0.91 -5.13 17.65
CA ILE A 153 1.90 -6.13 18.06
C ILE A 153 3.16 -6.06 17.20
N PRO A 154 4.35 -6.02 17.84
CA PRO A 154 5.56 -5.84 17.04
C PRO A 154 6.17 -7.12 16.46
N ARG A 155 6.77 -6.98 15.28
CA ARG A 155 7.58 -8.00 14.66
C ARG A 155 8.44 -8.75 15.69
N ASP A 156 8.37 -10.07 15.64
CA ASP A 156 9.21 -10.98 16.45
C ASP A 156 8.89 -11.01 17.95
N ALA A 157 8.20 -10.00 18.47
CA ALA A 157 7.81 -10.03 19.88
C ALA A 157 6.64 -10.97 20.12
N THR A 158 6.59 -11.54 21.33
CA THR A 158 5.62 -12.57 21.68
C THR A 158 4.19 -12.03 21.81
N TYR A 159 3.22 -12.84 21.40
CA TYR A 159 1.80 -12.47 21.52
C TYR A 159 0.89 -13.67 21.65
N TYR A 160 -0.38 -13.38 21.94
CA TYR A 160 -1.37 -14.41 22.24
C TYR A 160 -2.53 -14.35 21.26
N SER A 161 -2.94 -15.49 20.70
CA SER A 161 -4.03 -15.48 19.72
C SER A 161 -5.04 -16.61 19.88
N TYR A 162 -6.24 -16.39 19.35
CA TYR A 162 -7.32 -17.37 19.42
C TYR A 162 -8.00 -17.46 18.06
N GLN A 163 -8.05 -18.67 17.51
CA GLN A 163 -8.63 -18.92 16.21
C GLN A 163 -8.04 -18.06 15.11
N ASN A 164 -6.76 -17.73 15.25
CA ASN A 164 -6.06 -16.83 14.34
C ASN A 164 -6.87 -15.57 14.03
N ARG A 165 -7.64 -15.12 15.02
CA ARG A 165 -8.65 -14.08 14.82
C ARG A 165 -8.57 -13.01 15.91
N TYR A 166 -8.39 -13.44 17.15
CA TYR A 166 -8.28 -12.54 18.29
C TYR A 166 -6.87 -12.63 18.85
N HIS A 167 -6.12 -11.54 18.69
CA HIS A 167 -4.72 -11.46 19.15
C HIS A 167 -4.52 -10.39 20.22
N PHE A 168 -3.60 -10.64 21.15
CA PHE A 168 -3.33 -9.73 22.26
C PHE A 168 -1.84 -9.60 22.53
N CYS A 169 -1.35 -8.35 22.57
CA CYS A 169 0.03 -8.05 22.95
C CYS A 169 0.34 -8.58 24.35
N GLU A 170 1.57 -9.03 24.57
CA GLU A 170 1.94 -9.68 25.82
C GLU A 170 1.63 -8.83 27.06
N LYS A 171 1.71 -7.49 26.92
CA LYS A 171 1.31 -6.60 28.00
C LYS A 171 -0.20 -6.68 28.22
N CYS A 172 -0.97 -6.08 27.30
CA CYS A 172 -2.42 -5.94 27.45
C CYS A 172 -3.18 -7.26 27.62
N PHE A 173 -2.47 -8.37 27.49
CA PHE A 173 -3.05 -9.69 27.71
C PHE A 173 -3.02 -10.04 29.19
N ASN A 174 -1.86 -9.81 29.82
CA ASN A 174 -1.70 -9.97 31.27
C ASN A 174 -2.34 -8.84 32.12
N GLU A 175 -2.75 -7.75 31.47
CA GLU A 175 -3.44 -6.66 32.15
C GLU A 175 -4.75 -7.18 32.76
N ILE A 176 -5.55 -7.87 31.95
CA ILE A 176 -6.86 -8.40 32.37
C ILE A 176 -6.79 -9.18 33.69
N GLN A 177 -7.53 -8.74 34.71
CA GLN A 177 -7.59 -9.46 35.98
C GLN A 177 -8.20 -10.83 35.69
N GLY A 178 -7.63 -11.87 36.27
CA GLY A 178 -8.19 -13.22 36.15
C GLY A 178 -7.69 -14.02 34.96
N GLU A 179 -8.37 -15.13 34.70
CA GLU A 179 -8.00 -16.05 33.64
C GLU A 179 -9.00 -16.17 32.52
N SER A 180 -9.88 -15.21 32.35
CA SER A 180 -10.88 -15.28 31.31
C SER A 180 -10.94 -14.01 30.48
N VAL A 181 -10.93 -14.19 29.17
CA VAL A 181 -11.01 -13.11 28.20
C VAL A 181 -12.42 -13.07 27.62
N SER A 182 -12.84 -11.93 27.06
CA SER A 182 -14.14 -11.80 26.45
C SER A 182 -14.04 -11.27 25.03
N LEU A 183 -14.60 -12.02 24.08
CA LEU A 183 -14.54 -11.68 22.66
C LEU A 183 -15.94 -11.42 22.10
N GLY A 184 -16.06 -10.40 21.24
CA GLY A 184 -17.34 -9.98 20.66
C GLY A 184 -17.55 -8.48 20.73
N GLN A 191 -21.38 -11.82 23.18
CA GLN A 191 -20.11 -11.92 23.93
C GLN A 191 -19.94 -13.32 24.54
N THR A 192 -18.73 -13.86 24.42
CA THR A 192 -18.42 -15.18 24.96
C THR A 192 -17.06 -15.18 25.66
N THR A 193 -16.89 -16.13 26.59
CA THR A 193 -15.77 -16.13 27.52
C THR A 193 -14.79 -17.26 27.24
N ILE A 194 -13.52 -16.90 27.10
CA ILE A 194 -12.47 -17.86 26.77
C ILE A 194 -11.34 -17.81 27.79
N ASN A 195 -11.07 -18.97 28.40
CA ASN A 195 -9.92 -19.14 29.27
C ASN A 195 -8.61 -18.78 28.58
N LYS A 196 -7.67 -18.18 29.32
CA LYS A 196 -6.39 -17.78 28.75
C LYS A 196 -5.65 -19.01 28.23
N GLU A 197 -5.90 -20.14 28.86
CA GLU A 197 -5.23 -21.38 28.47
C GLU A 197 -5.59 -21.80 27.05
N GLN A 198 -6.64 -21.20 26.51
CA GLN A 198 -7.12 -21.54 25.18
C GLN A 198 -6.45 -20.69 24.09
N PHE A 199 -5.62 -19.73 24.51
CA PHE A 199 -4.87 -18.91 23.55
C PHE A 199 -3.54 -19.56 23.17
N SER A 200 -3.12 -19.29 21.93
CA SER A 200 -1.81 -19.70 21.44
C SER A 200 -0.80 -18.65 21.86
N LYS A 201 0.35 -19.08 22.39
CA LYS A 201 1.49 -18.18 22.58
C LYS A 201 2.43 -18.30 21.38
N ARG A 202 2.71 -17.20 20.72
CA ARG A 202 3.52 -17.25 19.51
C ARG A 202 4.25 -15.94 19.22
N LYS A 203 5.26 -16.01 18.37
CA LYS A 203 6.01 -14.83 17.93
C LYS A 203 5.54 -14.39 16.57
N ASN A 204 5.43 -13.08 16.37
CA ASN A 204 5.05 -12.53 15.07
C ASN A 204 6.21 -12.55 14.07
N ASP A 205 6.77 -13.74 13.83
CA ASP A 205 7.96 -13.87 13.00
C ASP A 205 7.72 -14.69 11.71
N THR A 206 6.47 -14.75 11.26
CA THR A 206 6.10 -15.57 10.10
C THR A 206 6.14 -14.78 8.80
N LEU A 207 6.89 -15.28 7.82
CA LEU A 207 6.98 -14.60 6.53
C LEU A 207 6.69 -15.57 5.40
N ASP A 208 5.75 -15.20 4.54
CA ASP A 208 5.31 -16.06 3.44
C ASP A 208 6.31 -15.93 2.27
N PRO A 209 6.81 -17.07 1.77
CA PRO A 209 7.65 -17.00 0.58
C PRO A 209 6.92 -16.54 -0.67
N GLU A 210 7.66 -15.90 -1.56
CA GLU A 210 7.15 -15.62 -2.90
C GLU A 210 6.91 -16.95 -3.61
N LEU A 211 5.98 -16.94 -4.55
CA LEU A 211 5.66 -18.08 -5.34
C LEU A 211 6.46 -18.17 -6.63
N PHE A 212 6.59 -19.40 -7.11
CA PHE A 212 7.25 -19.71 -8.37
C PHE A 212 6.24 -20.15 -9.41
N VAL A 213 6.63 -19.98 -10.67
CA VAL A 213 5.90 -20.52 -11.83
C VAL A 213 6.95 -21.26 -12.65
N GLU A 214 6.54 -22.37 -13.27
CA GLU A 214 7.46 -23.23 -13.98
C GLU A 214 7.36 -22.95 -15.47
N CYS A 215 8.51 -22.75 -16.13
CA CYS A 215 8.50 -22.64 -17.59
C CYS A 215 7.98 -23.95 -18.13
N THR A 216 6.99 -23.87 -19.02
CA THR A 216 6.35 -25.05 -19.56
C THR A 216 7.25 -25.76 -20.56
N GLU A 217 8.24 -25.05 -21.10
CA GLU A 217 9.21 -25.64 -22.02
C GLU A 217 10.44 -26.18 -21.31
N CYS A 218 11.27 -25.31 -20.72
CA CYS A 218 12.54 -25.77 -20.11
C CYS A 218 12.37 -26.32 -18.70
N GLY A 219 11.22 -26.04 -18.07
CA GLY A 219 10.99 -26.56 -16.73
C GLY A 219 11.62 -25.75 -15.58
N ARG A 220 12.36 -24.69 -15.89
CA ARG A 220 12.92 -23.83 -14.84
C ARG A 220 11.82 -23.14 -14.02
N LYS A 221 12.00 -23.14 -12.69
CA LYS A 221 11.15 -22.40 -11.76
C LYS A 221 11.64 -20.97 -11.63
N MET A 222 10.75 -20.01 -11.90
CA MET A 222 11.05 -18.58 -11.74
C MET A 222 10.07 -17.92 -10.75
N HIS A 223 10.50 -16.87 -10.06
CA HIS A 223 9.59 -16.06 -9.28
C HIS A 223 8.48 -15.50 -10.16
N GLN A 224 7.24 -15.75 -9.76
CA GLN A 224 6.09 -15.27 -10.50
C GLN A 224 6.14 -13.74 -10.68
N ILE A 225 6.55 -13.04 -9.63
CA ILE A 225 6.68 -11.59 -9.66
C ILE A 225 7.86 -11.11 -10.54
N CYS A 226 8.95 -11.89 -10.62
CA CYS A 226 10.07 -11.54 -11.52
C CYS A 226 9.64 -11.56 -12.99
N VAL A 227 8.83 -12.53 -13.37
CA VAL A 227 8.52 -12.72 -14.78
C VAL A 227 7.15 -12.15 -15.11
N LEU A 228 6.39 -11.73 -14.10
CA LEU A 228 5.07 -11.13 -14.28
C LEU A 228 4.16 -12.04 -15.12
N HIS A 229 4.01 -13.28 -14.66
CA HIS A 229 3.13 -14.21 -15.34
C HIS A 229 1.81 -14.28 -14.63
N HIS A 230 0.75 -13.94 -15.33
CA HIS A 230 -0.58 -13.99 -14.76
C HIS A 230 -1.38 -14.96 -15.59
N GLU A 231 -2.01 -15.92 -14.92
CA GLU A 231 -2.71 -17.02 -15.59
C GLU A 231 -3.93 -16.60 -16.41
N ILE A 232 -4.57 -15.49 -16.05
CA ILE A 232 -5.72 -14.97 -16.78
C ILE A 232 -5.27 -14.29 -18.07
N ILE A 233 -4.12 -13.62 -18.01
CA ILE A 233 -3.64 -12.86 -19.15
C ILE A 233 -3.01 -13.80 -20.18
N TRP A 234 -2.27 -14.80 -19.72
CA TRP A 234 -1.64 -15.80 -20.61
C TRP A 234 -2.08 -17.22 -20.21
N PRO A 235 -3.30 -17.59 -20.59
CA PRO A 235 -3.84 -18.86 -20.08
C PRO A 235 -3.13 -20.10 -20.66
N ALA A 236 -2.49 -19.97 -21.81
CA ALA A 236 -1.77 -21.07 -22.41
C ALA A 236 -0.59 -21.53 -21.55
N GLY A 237 -0.17 -20.71 -20.60
CA GLY A 237 0.95 -21.09 -19.72
C GLY A 237 2.20 -20.23 -19.80
N PHE A 238 3.08 -20.35 -18.81
CA PHE A 238 4.28 -19.52 -18.76
C PHE A 238 5.41 -20.10 -19.62
N VAL A 239 6.03 -19.23 -20.42
CA VAL A 239 7.20 -19.58 -21.22
C VAL A 239 8.23 -18.48 -21.00
N CYS A 240 9.41 -18.85 -20.47
CA CYS A 240 10.38 -17.87 -20.02
C CYS A 240 10.95 -17.14 -21.24
N ASP A 241 11.56 -15.99 -21.01
CA ASP A 241 12.15 -15.20 -22.10
C ASP A 241 13.26 -15.93 -22.84
N GLY A 242 14.00 -16.74 -22.10
CA GLY A 242 15.04 -17.58 -22.70
C GLY A 242 14.49 -18.48 -23.79
N CYS A 243 13.45 -19.24 -23.46
CA CYS A 243 12.80 -20.14 -24.41
C CYS A 243 12.11 -19.40 -25.57
N LEU A 244 11.55 -18.23 -25.28
CA LEU A 244 10.90 -17.41 -26.31
C LEU A 244 11.91 -16.90 -27.33
N LYS A 245 13.04 -16.39 -26.84
CA LYS A 245 14.04 -15.83 -27.72
C LYS A 245 14.71 -16.89 -28.62
N LYS A 246 14.89 -18.10 -28.11
CA LYS A 246 15.49 -19.18 -28.89
C LYS A 246 14.71 -19.45 -30.17
N SER A 247 13.40 -19.30 -30.11
CA SER A 247 12.54 -19.49 -31.29
C SER A 247 12.01 -18.16 -31.82
N ALA A 248 12.66 -17.06 -31.44
CA ALA A 248 12.27 -15.71 -31.85
C ALA A 248 10.78 -15.35 -31.61
N ARG A 249 10.16 -15.96 -30.60
CA ARG A 249 8.79 -15.63 -30.23
C ARG A 249 8.74 -14.48 -29.23
N THR A 250 7.53 -13.91 -29.07
CA THR A 250 7.26 -12.91 -28.02
C THR A 250 5.96 -13.27 -27.36
N ARG A 251 5.77 -12.86 -26.11
CA ARG A 251 4.47 -13.03 -25.43
C ARG A 251 3.34 -12.39 -26.20
N LYS A 252 2.19 -13.03 -26.16
CA LYS A 252 0.95 -12.43 -26.64
C LYS A 252 0.67 -11.13 -25.84
N GLU A 253 0.06 -10.17 -26.49
CA GLU A 253 -0.19 -8.88 -25.91
C GLU A 253 -1.03 -8.98 -24.63
N ASN A 254 -0.64 -8.23 -23.60
CA ASN A 254 -1.49 -8.02 -22.42
C ASN A 254 -2.63 -7.05 -22.70
N LYS A 255 -3.86 -7.54 -22.86
CA LYS A 255 -5.02 -6.67 -23.16
C LYS A 255 -5.66 -6.11 -21.91
N PHE A 256 -5.17 -6.53 -20.75
CA PHE A 256 -5.70 -6.07 -19.47
C PHE A 256 -4.89 -4.85 -18.97
N SER A 257 -4.72 -3.85 -19.83
CA SER A 257 -3.84 -2.72 -19.53
C SER A 257 -4.62 -1.54 -18.97
N ALA A 258 -3.88 -0.57 -18.44
CA ALA A 258 -4.50 0.64 -17.92
C ALA A 258 -5.17 1.41 -19.04
N LYS A 259 -4.48 1.49 -20.17
CA LYS A 259 -4.95 2.26 -21.32
C LYS A 259 -6.29 1.71 -21.83
N ARG A 260 -6.51 0.40 -21.70
CA ARG A 260 -7.74 -0.20 -22.19
C ARG A 260 -8.91 -0.17 -21.19
N LEU A 261 -8.69 0.30 -19.96
CA LEU A 261 -9.81 0.62 -19.10
C LEU A 261 -10.66 1.73 -19.78
N PRO A 262 -12.00 1.71 -19.57
CA PRO A 262 -12.86 2.74 -20.22
C PRO A 262 -12.51 4.19 -19.86
N SER A 263 -12.54 5.02 -20.87
CA SER A 263 -12.29 6.45 -20.73
C SER A 263 -13.48 7.19 -20.17
N THR A 264 -13.24 8.34 -19.53
CA THR A 264 -14.29 9.23 -19.04
C THR A 264 -13.89 10.65 -19.45
N ARG A 265 -14.80 11.60 -19.39
CA ARG A 265 -14.44 12.99 -19.65
C ARG A 265 -13.41 13.47 -18.62
N LEU A 266 -13.62 13.13 -17.36
CA LEU A 266 -12.69 13.53 -16.30
C LEU A 266 -11.28 12.92 -16.48
N GLY A 267 -11.20 11.61 -16.64
CA GLY A 267 -9.93 10.92 -16.86
C GLY A 267 -9.20 11.50 -18.06
N THR A 268 -9.93 11.74 -19.14
CA THR A 268 -9.29 12.26 -20.34
C THR A 268 -8.73 13.65 -20.07
N PHE A 269 -9.53 14.47 -19.38
CA PHE A 269 -9.14 15.83 -19.12
C PHE A 269 -7.83 15.84 -18.31
N LEU A 270 -7.77 15.00 -17.29
CA LEU A 270 -6.63 14.96 -16.39
C LEU A 270 -5.38 14.45 -17.12
N GLU A 271 -5.55 13.39 -17.91
CA GLU A 271 -4.40 12.83 -18.54
C GLU A 271 -3.90 13.78 -19.62
N ASN A 272 -4.79 14.49 -20.31
CA ASN A 272 -4.34 15.49 -21.26
C ASN A 272 -3.55 16.62 -20.60
N ARG A 273 -4.01 17.06 -19.46
CA ARG A 273 -3.28 18.09 -18.74
C ARG A 273 -1.87 17.62 -18.39
N VAL A 274 -1.78 16.40 -17.86
CA VAL A 274 -0.47 15.84 -17.45
C VAL A 274 0.50 15.69 -18.61
N ASN A 275 0.03 15.08 -19.69
CA ASN A 275 0.87 14.78 -20.82
C ASN A 275 1.27 16.03 -21.59
N ASP A 276 0.38 17.00 -21.66
CA ASP A 276 0.75 18.31 -22.21
C ASP A 276 1.87 18.97 -21.36
N PHE A 277 1.78 18.84 -20.05
CA PHE A 277 2.81 19.36 -19.17
C PHE A 277 4.15 18.65 -19.41
N LEU A 278 4.11 17.33 -19.48
CA LEU A 278 5.32 16.56 -19.71
C LEU A 278 5.94 16.89 -21.06
N ARG A 279 5.10 17.12 -22.05
CA ARG A 279 5.60 17.47 -23.37
C ARG A 279 6.27 18.83 -23.36
N ARG A 280 5.72 19.77 -22.63
CA ARG A 280 6.39 21.07 -22.49
C ARG A 280 7.75 20.93 -21.80
N GLN A 281 7.84 20.08 -20.79
CA GLN A 281 9.09 19.94 -20.05
C GLN A 281 10.17 19.29 -20.91
N ASN A 282 9.76 18.33 -21.71
CA ASN A 282 10.66 17.70 -22.64
C ASN A 282 11.89 17.08 -21.93
N HIS A 283 11.71 16.56 -20.72
CA HIS A 283 12.79 15.88 -19.97
C HIS A 283 13.09 14.56 -20.66
N PRO A 284 14.37 14.17 -20.72
CA PRO A 284 14.74 12.83 -21.25
C PRO A 284 14.05 11.66 -20.55
N GLU A 285 13.76 10.60 -21.29
CA GLU A 285 13.14 9.41 -20.71
C GLU A 285 11.83 9.71 -19.94
N SER A 286 10.98 10.54 -20.54
CA SER A 286 9.63 10.75 -20.04
C SER A 286 8.72 9.69 -20.63
N GLY A 287 7.75 9.25 -19.85
CA GLY A 287 6.73 8.35 -20.33
C GLY A 287 5.37 9.03 -20.29
N GLU A 288 4.50 8.56 -21.17
CA GLU A 288 3.08 8.96 -21.17
C GLU A 288 2.34 8.52 -19.90
N VAL A 289 1.50 9.40 -19.37
CA VAL A 289 0.67 9.02 -18.23
C VAL A 289 -0.77 8.75 -18.68
N THR A 290 -1.34 7.71 -18.08
CA THR A 290 -2.73 7.32 -18.28
C THR A 290 -3.51 7.56 -17.00
N VAL A 291 -4.62 8.31 -17.10
CA VAL A 291 -5.49 8.50 -15.94
C VAL A 291 -6.87 7.89 -16.19
N ARG A 292 -7.35 7.10 -15.26
CA ARG A 292 -8.66 6.46 -15.37
C ARG A 292 -9.48 6.60 -14.10
N VAL A 293 -10.74 6.97 -14.30
CA VAL A 293 -11.74 6.98 -13.27
C VAL A 293 -12.32 5.57 -13.23
N VAL A 294 -12.24 4.89 -12.09
CA VAL A 294 -12.60 3.48 -12.04
C VAL A 294 -13.79 3.20 -11.15
N HIS A 295 -14.32 4.25 -10.54
CA HIS A 295 -15.52 4.12 -9.69
C HIS A 295 -16.23 5.43 -9.67
N ALA A 296 -17.55 5.38 -9.81
CA ALA A 296 -18.41 6.51 -9.53
C ALA A 296 -19.76 6.00 -9.04
N SER A 297 -20.15 6.37 -7.83
CA SER A 297 -21.45 5.99 -7.30
C SER A 297 -22.04 7.09 -6.42
N ASP A 298 -23.34 7.01 -6.22
CA ASP A 298 -24.04 7.93 -5.32
C ASP A 298 -24.16 7.34 -3.93
N LYS A 299 -23.93 8.19 -2.94
CA LYS A 299 -23.86 7.83 -1.52
C LYS A 299 -24.49 8.94 -0.70
N THR A 300 -24.56 8.76 0.61
CA THR A 300 -25.03 9.80 1.52
C THR A 300 -24.16 9.79 2.76
N VAL A 301 -23.90 10.96 3.32
CA VAL A 301 -23.28 11.02 4.63
C VAL A 301 -24.40 11.38 5.60
N GLU A 302 -24.51 10.61 6.68
CA GLU A 302 -25.50 10.86 7.71
C GLU A 302 -24.92 11.67 8.86
N VAL A 303 -25.67 12.65 9.34
CA VAL A 303 -25.23 13.37 10.53
C VAL A 303 -25.23 12.44 11.76
N LYS A 304 -24.10 12.43 12.45
CA LYS A 304 -23.89 11.60 13.64
C LYS A 304 -24.80 11.99 14.83
N PRO A 305 -24.90 11.13 15.83
CA PRO A 305 -25.97 11.28 16.85
C PRO A 305 -25.95 12.58 17.66
N GLY A 306 -24.75 13.08 17.96
CA GLY A 306 -24.65 14.33 18.71
C GLY A 306 -25.21 15.48 17.92
N MET A 307 -24.71 15.63 16.70
CA MET A 307 -25.10 16.77 15.88
C MET A 307 -26.56 16.61 15.46
N LYS A 308 -27.00 15.37 15.31
CA LYS A 308 -28.38 15.13 14.90
C LYS A 308 -29.34 15.52 16.05
N ALA A 309 -29.02 15.12 17.28
CA ALA A 309 -29.81 15.56 18.43
C ALA A 309 -29.83 17.09 18.52
N ARG A 310 -28.68 17.72 18.25
CA ARG A 310 -28.57 19.17 18.42
C ARG A 310 -29.31 19.96 17.35
N PHE A 311 -29.20 19.56 16.09
CA PHE A 311 -29.70 20.43 15.01
C PHE A 311 -30.67 19.74 14.07
N VAL A 312 -30.61 18.42 13.94
CA VAL A 312 -31.42 17.77 12.93
C VAL A 312 -32.86 17.63 13.48
N ASP A 313 -32.97 17.19 14.73
CA ASP A 313 -34.27 16.89 15.36
C ASP A 313 -35.14 18.16 15.54
N SER A 314 -34.50 19.33 15.56
CA SER A 314 -35.18 20.63 15.58
C SER A 314 -35.31 21.25 14.22
N GLY A 315 -34.94 20.51 13.18
CA GLY A 315 -35.13 20.94 11.81
C GLY A 315 -34.18 22.01 11.30
N GLU A 316 -33.04 22.19 11.97
CA GLU A 316 -32.13 23.25 11.58
C GLU A 316 -31.07 22.75 10.60
N MET A 317 -31.00 21.44 10.40
CA MET A 317 -29.96 20.84 9.58
C MET A 317 -30.49 19.56 8.97
N ALA A 318 -30.10 19.29 7.74
CA ALA A 318 -30.51 18.04 7.07
C ALA A 318 -29.94 16.83 7.81
N GLU A 319 -30.68 15.72 7.83
CA GLU A 319 -30.21 14.54 8.53
C GLU A 319 -29.10 13.84 7.75
N SER A 320 -29.00 14.13 6.46
CA SER A 320 -27.95 13.52 5.66
C SER A 320 -27.74 14.30 4.38
N PHE A 321 -26.60 14.10 3.72
CA PHE A 321 -26.24 14.85 2.52
C PHE A 321 -25.82 13.88 1.42
N PRO A 322 -26.45 13.98 0.25
CA PRO A 322 -26.07 13.10 -0.85
C PRO A 322 -24.83 13.64 -1.58
N TYR A 323 -24.01 12.70 -2.03
CA TYR A 323 -22.84 13.05 -2.82
C TYR A 323 -22.51 11.91 -3.77
N ARG A 324 -21.68 12.25 -4.74
CA ARG A 324 -21.07 11.25 -5.61
C ARG A 324 -19.62 11.04 -5.20
N THR A 325 -19.23 9.78 -5.00
CA THR A 325 -17.84 9.45 -4.77
C THR A 325 -17.22 8.95 -6.06
N LYS A 326 -15.98 9.36 -6.33
CA LYS A 326 -15.22 8.86 -7.47
C LYS A 326 -13.82 8.44 -7.03
N ALA A 327 -13.31 7.37 -7.64
CA ALA A 327 -11.94 6.91 -7.47
C ALA A 327 -11.23 6.97 -8.81
N LEU A 328 -10.03 7.53 -8.80
CA LEU A 328 -9.22 7.64 -9.98
C LEU A 328 -7.73 7.33 -9.69
N PHE A 329 -7.09 6.84 -10.74
CA PHE A 329 -5.72 6.37 -10.66
C PHE A 329 -4.92 6.83 -11.87
N ALA A 330 -3.63 7.05 -11.65
CA ALA A 330 -2.72 7.37 -12.74
C ALA A 330 -1.69 6.26 -12.88
N PHE A 331 -1.34 5.97 -14.13
CA PHE A 331 -0.46 4.86 -14.47
C PHE A 331 0.62 5.38 -15.41
N GLU A 332 1.80 4.81 -15.27
CA GLU A 332 2.88 5.04 -16.22
C GLU A 332 3.47 3.71 -16.66
N GLU A 333 3.94 3.64 -17.89
CA GLU A 333 4.70 2.47 -18.32
C GLU A 333 6.16 2.58 -17.86
N ILE A 334 6.61 1.60 -17.10
CA ILE A 334 7.99 1.54 -16.65
C ILE A 334 8.55 0.15 -17.02
N ASP A 335 9.69 0.15 -17.72
CA ASP A 335 10.29 -1.08 -18.25
C ASP A 335 9.28 -1.94 -19.03
N GLY A 336 8.50 -1.30 -19.90
CA GLY A 336 7.52 -1.99 -20.72
C GLY A 336 6.21 -2.43 -20.05
N VAL A 337 6.04 -2.13 -18.77
CA VAL A 337 4.92 -2.67 -17.97
C VAL A 337 4.18 -1.52 -17.24
N ASP A 338 2.88 -1.71 -17.00
CA ASP A 338 2.09 -0.70 -16.35
C ASP A 338 2.47 -0.61 -14.89
N LEU A 339 2.47 0.62 -14.39
CA LEU A 339 2.75 0.89 -13.00
C LEU A 339 1.80 1.96 -12.47
N CYS A 340 0.99 1.58 -11.46
CA CYS A 340 0.04 2.50 -10.85
C CYS A 340 0.80 3.33 -9.82
N PHE A 341 0.84 4.66 -9.95
CA PHE A 341 1.69 5.43 -9.03
C PHE A 341 0.96 6.47 -8.23
N PHE A 342 -0.30 6.71 -8.57
CA PHE A 342 -1.10 7.70 -7.87
C PHE A 342 -2.58 7.28 -7.85
N GLY A 343 -3.22 7.55 -6.72
CA GLY A 343 -4.61 7.20 -6.52
C GLY A 343 -5.28 8.32 -5.70
N MET A 344 -6.56 8.55 -5.96
CA MET A 344 -7.33 9.52 -5.21
C MET A 344 -8.83 9.19 -5.20
N HIS A 345 -9.49 9.39 -4.05
CA HIS A 345 -10.95 9.34 -3.93
C HIS A 345 -11.48 10.71 -3.53
N VAL A 346 -12.56 11.11 -4.19
CA VAL A 346 -13.21 12.39 -3.92
C VAL A 346 -14.72 12.25 -3.62
N GLN A 347 -15.25 13.23 -2.90
CA GLN A 347 -16.67 13.38 -2.59
C GLN A 347 -17.18 14.64 -3.23
N GLU A 348 -18.21 14.50 -4.06
CA GLU A 348 -18.76 15.63 -4.78
C GLU A 348 -20.24 15.88 -4.42
N TYR A 349 -20.50 17.03 -3.83
CA TYR A 349 -21.86 17.40 -3.35
C TYR A 349 -22.45 18.39 -4.34
N GLY A 350 -23.42 17.90 -5.10
CA GLY A 350 -23.94 18.66 -6.24
C GLY A 350 -24.89 19.80 -5.89
N SER A 351 -25.54 20.34 -6.90
CA SER A 351 -26.42 21.51 -6.69
C SER A 351 -27.76 21.15 -6.06
N ASP A 352 -28.16 19.88 -6.09
CA ASP A 352 -29.39 19.44 -5.39
C ASP A 352 -29.19 19.14 -3.90
N CYS A 353 -27.95 19.16 -3.45
CA CYS A 353 -27.62 18.82 -2.08
C CYS A 353 -28.05 19.99 -1.13
N PRO A 354 -28.56 19.70 0.07
CA PRO A 354 -28.89 20.81 0.97
C PRO A 354 -27.65 21.57 1.44
N PRO A 355 -27.79 22.89 1.73
CA PRO A 355 -26.74 23.53 2.53
C PRO A 355 -26.51 22.81 3.84
N PRO A 356 -25.32 22.91 4.41
CA PRO A 356 -24.16 23.70 3.96
C PRO A 356 -23.25 23.01 2.91
N ASN A 357 -23.63 21.88 2.35
CA ASN A 357 -22.69 21.09 1.55
C ASN A 357 -22.77 21.37 0.04
N GLN A 358 -23.78 22.15 -0.34
CA GLN A 358 -24.12 22.41 -1.72
C GLN A 358 -22.94 22.88 -2.57
N ARG A 359 -22.70 22.20 -3.69
CA ARG A 359 -21.67 22.59 -4.69
C ARG A 359 -20.23 22.55 -4.17
N ARG A 360 -19.96 21.59 -3.29
CA ARG A 360 -18.66 21.45 -2.67
C ARG A 360 -18.01 20.13 -3.05
N VAL A 361 -16.70 20.15 -3.21
CA VAL A 361 -15.94 18.91 -3.33
C VAL A 361 -14.96 18.81 -2.19
N TYR A 362 -14.75 17.56 -1.78
CA TYR A 362 -13.82 17.21 -0.72
C TYR A 362 -12.94 16.05 -1.12
N ILE A 363 -11.64 16.15 -0.82
CA ILE A 363 -10.75 15.03 -1.15
C ILE A 363 -10.77 14.07 0.01
N SER A 364 -11.30 12.87 -0.21
CA SER A 364 -11.35 11.87 0.84
C SER A 364 -9.92 11.41 1.21
N TYR A 365 -9.18 11.00 0.22
CA TYR A 365 -7.78 10.57 0.42
C TYR A 365 -7.07 10.44 -0.89
N LEU A 366 -5.78 10.70 -0.88
CA LEU A 366 -4.92 10.48 -2.03
C LEU A 366 -3.66 9.80 -1.55
N ASP A 367 -2.97 9.12 -2.46
CA ASP A 367 -1.84 8.28 -2.12
C ASP A 367 -0.99 8.10 -3.37
N SER A 368 0.26 7.75 -3.13
CA SER A 368 1.19 7.55 -4.20
C SER A 368 2.24 6.51 -3.87
N VAL A 369 2.90 6.03 -4.92
CA VAL A 369 3.98 5.04 -4.84
C VAL A 369 5.08 5.62 -5.69
N HIS A 370 6.23 5.92 -5.08
CA HIS A 370 7.18 6.90 -5.62
C HIS A 370 8.06 6.49 -6.81
N PHE A 371 7.56 5.65 -7.70
CA PHE A 371 8.37 5.13 -8.82
C PHE A 371 8.24 5.93 -10.11
N PHE A 372 7.46 6.99 -10.12
CA PHE A 372 7.31 7.81 -11.32
C PHE A 372 8.65 8.26 -11.90
N ARG A 373 8.75 8.23 -13.23
CA ARG A 373 9.92 8.67 -13.98
C ARG A 373 9.53 9.74 -14.96
N PRO A 374 10.31 10.82 -15.01
CA PRO A 374 11.50 11.12 -14.23
C PRO A 374 11.17 11.65 -12.86
N LYS A 375 11.94 11.19 -11.89
CA LYS A 375 11.83 11.66 -10.49
C LYS A 375 11.64 13.18 -10.34
N CYS A 376 12.39 13.95 -11.11
CA CYS A 376 12.41 15.38 -10.85
CA CYS A 376 12.44 15.40 -10.99
C CYS A 376 11.09 16.04 -11.26
N LEU A 377 10.21 15.30 -11.95
CA LEU A 377 8.88 15.83 -12.29
C LEU A 377 7.73 15.19 -11.51
N ARG A 378 8.06 14.27 -10.61
CA ARG A 378 7.03 13.56 -9.85
C ARG A 378 6.05 14.50 -9.09
N THR A 379 6.56 15.35 -8.21
CA THR A 379 5.71 16.28 -7.49
C THR A 379 4.90 17.16 -8.46
N ALA A 380 5.57 17.63 -9.50
CA ALA A 380 4.90 18.48 -10.47
C ALA A 380 3.72 17.73 -11.04
N VAL A 381 3.89 16.43 -11.31
CA VAL A 381 2.82 15.69 -11.93
C VAL A 381 1.63 15.50 -10.99
N TYR A 382 1.91 15.24 -9.72
CA TYR A 382 0.86 15.13 -8.73
C TYR A 382 0.05 16.44 -8.66
N HIS A 383 0.77 17.56 -8.68
CA HIS A 383 0.14 18.86 -8.65
C HIS A 383 -0.74 19.07 -9.86
N GLU A 384 -0.26 18.63 -11.03
CA GLU A 384 -1.04 18.82 -12.27
C GLU A 384 -2.36 18.05 -12.17
N ILE A 385 -2.31 16.86 -11.57
CA ILE A 385 -3.52 16.05 -11.42
C ILE A 385 -4.52 16.78 -10.52
N LEU A 386 -4.04 17.32 -9.39
CA LEU A 386 -4.93 18.03 -8.47
C LEU A 386 -5.44 19.35 -9.02
N ILE A 387 -4.58 20.11 -9.70
CA ILE A 387 -5.02 21.37 -10.27
C ILE A 387 -6.06 21.10 -11.37
N GLY A 388 -5.81 20.08 -12.20
CA GLY A 388 -6.74 19.68 -13.24
C GLY A 388 -8.10 19.28 -12.66
N TYR A 389 -8.10 18.61 -11.52
CA TYR A 389 -9.33 18.15 -10.94
C TYR A 389 -10.14 19.35 -10.41
N LEU A 390 -9.45 20.26 -9.73
CA LEU A 390 -10.09 21.52 -9.30
C LEU A 390 -10.67 22.29 -10.53
N GLU A 391 -9.89 22.38 -11.59
CA GLU A 391 -10.34 23.10 -12.77
C GLU A 391 -11.61 22.44 -13.37
N TYR A 392 -11.61 21.11 -13.36
CA TYR A 392 -12.71 20.36 -13.97
C TYR A 392 -14.01 20.56 -13.21
N VAL A 393 -13.96 20.44 -11.90
CA VAL A 393 -15.20 20.54 -11.13
C VAL A 393 -15.67 21.99 -11.11
N LYS A 394 -14.72 22.92 -11.16
CA LYS A 394 -15.07 24.32 -11.29
C LYS A 394 -15.93 24.54 -12.54
N LYS A 395 -15.52 23.91 -13.62
CA LYS A 395 -16.21 24.07 -14.91
C LYS A 395 -17.65 23.52 -14.78
N LEU A 396 -17.84 22.44 -14.02
CA LEU A 396 -19.15 21.89 -13.81
C LEU A 396 -20.07 22.77 -12.96
N GLY A 397 -19.47 23.65 -12.16
CA GLY A 397 -20.20 24.58 -11.33
C GLY A 397 -20.07 24.29 -9.84
N TYR A 398 -19.09 23.47 -9.46
CA TYR A 398 -18.75 23.37 -8.04
C TYR A 398 -17.99 24.64 -7.63
N THR A 399 -18.37 25.23 -6.50
CA THR A 399 -17.84 26.55 -6.11
C THR A 399 -16.63 26.47 -5.21
N THR A 400 -16.49 25.38 -4.46
CA THR A 400 -15.57 25.33 -3.36
C THR A 400 -14.95 23.94 -3.17
N GLY A 401 -13.61 23.89 -3.01
CA GLY A 401 -12.93 22.66 -2.67
C GLY A 401 -12.45 22.65 -1.23
N HIS A 402 -12.33 21.46 -0.67
CA HIS A 402 -12.00 21.24 0.73
C HIS A 402 -10.94 20.19 0.87
N ILE A 403 -9.88 20.53 1.58
CA ILE A 403 -8.76 19.61 1.79
C ILE A 403 -8.36 19.61 3.24
N TRP A 404 -8.35 18.42 3.81
CA TRP A 404 -7.74 18.16 5.11
C TRP A 404 -6.32 17.59 4.90
N ALA A 405 -5.30 18.38 5.19
CA ALA A 405 -3.90 17.91 5.10
C ALA A 405 -3.52 16.99 6.25
N CYS A 406 -3.78 15.72 6.08
CA CYS A 406 -3.62 14.78 7.18
C CYS A 406 -2.77 13.57 6.75
N PRO A 407 -1.48 13.55 7.11
CA PRO A 407 -0.63 12.37 6.81
C PRO A 407 -1.20 11.09 7.38
N PRO A 408 -0.88 9.93 6.77
CA PRO A 408 -1.38 8.68 7.35
C PRO A 408 -0.72 8.44 8.69
N SER A 409 -1.41 7.79 9.59
CA SER A 409 -0.80 7.36 10.84
C SER A 409 0.33 6.37 10.53
N GLU A 410 1.25 6.25 11.49
CA GLU A 410 2.44 5.41 11.37
C GLU A 410 2.19 4.01 10.79
N GLY A 411 2.88 3.70 9.70
CA GLY A 411 2.75 2.40 9.05
C GLY A 411 1.34 2.05 8.62
N ASP A 412 0.51 3.06 8.38
CA ASP A 412 -0.78 2.82 7.73
C ASP A 412 -0.72 3.36 6.29
N ASP A 413 -1.57 2.80 5.43
CA ASP A 413 -1.65 3.19 4.02
C ASP A 413 -3.02 3.74 3.67
N TYR A 414 -3.10 4.87 2.95
CA TYR A 414 -4.40 5.36 2.55
C TYR A 414 -5.02 4.49 1.47
N ILE A 415 -4.27 4.15 0.42
CA ILE A 415 -4.86 3.47 -0.74
C ILE A 415 -4.03 2.24 -1.16
N PHE A 416 -2.71 2.42 -1.26
CA PHE A 416 -1.79 1.35 -1.68
C PHE A 416 -1.21 0.61 -0.52
N HIS A 417 -1.48 -0.69 -0.45
CA HIS A 417 -0.92 -1.53 0.60
C HIS A 417 0.62 -1.70 0.53
N CYS A 418 1.29 -1.40 1.66
CA CYS A 418 2.72 -1.71 1.85
C CYS A 418 3.61 -0.89 0.89
N HIS A 419 3.81 0.38 1.25
CA HIS A 419 4.72 1.28 0.56
C HIS A 419 6.19 0.84 0.62
N PRO A 420 7.02 1.34 -0.30
CA PRO A 420 8.46 1.10 -0.21
C PRO A 420 8.98 1.63 1.15
N PRO A 421 9.84 0.86 1.81
CA PRO A 421 10.29 1.32 3.13
C PRO A 421 11.13 2.59 3.05
N ASP A 422 11.65 2.93 1.87
CA ASP A 422 12.43 4.15 1.70
C ASP A 422 11.62 5.31 1.08
N GLN A 423 10.30 5.14 1.00
CA GLN A 423 9.43 6.24 0.64
C GLN A 423 9.05 6.98 1.91
N LYS A 424 9.58 8.17 2.11
CA LYS A 424 9.29 8.89 3.33
C LYS A 424 7.88 9.44 3.33
N ILE A 425 7.30 9.44 4.51
CA ILE A 425 5.96 9.98 4.72
C ILE A 425 6.10 11.40 5.26
N PRO A 426 5.56 12.40 4.56
CA PRO A 426 5.59 13.79 5.06
C PRO A 426 4.90 13.99 6.41
N LYS A 427 5.47 14.79 7.27
CA LYS A 427 4.78 15.26 8.48
C LYS A 427 3.82 16.44 8.03
N PRO A 428 2.97 16.89 8.95
CA PRO A 428 1.95 17.87 8.63
C PRO A 428 2.45 19.18 8.03
N LYS A 429 3.52 19.73 8.56
CA LYS A 429 4.01 20.99 7.99
C LYS A 429 4.49 20.81 6.54
N ARG A 430 5.28 19.80 6.23
CA ARG A 430 5.64 19.53 4.84
C ARG A 430 4.41 19.29 3.91
N LEU A 431 3.44 18.52 4.37
CA LEU A 431 2.25 18.23 3.58
C LEU A 431 1.43 19.53 3.37
N GLN A 432 1.29 20.35 4.41
CA GLN A 432 0.60 21.63 4.25
C GLN A 432 1.25 22.50 3.19
N GLU A 433 2.58 22.61 3.26
CA GLU A 433 3.31 23.39 2.26
C GLU A 433 3.20 22.88 0.84
N TRP A 434 3.10 21.57 0.73
CA TRP A 434 2.90 20.90 -0.56
C TRP A 434 1.54 21.30 -1.16
N PHE A 435 0.50 21.28 -0.34
CA PHE A 435 -0.81 21.72 -0.81
C PHE A 435 -0.81 23.22 -1.16
N LYS A 436 -0.13 24.02 -0.35
CA LYS A 436 0.03 25.44 -0.66
C LYS A 436 0.73 25.73 -1.96
N LYS A 437 1.80 24.97 -2.23
CA LYS A 437 2.51 25.12 -3.47
C LYS A 437 1.58 24.77 -4.66
N MET A 438 0.84 23.66 -4.54
CA MET A 438 -0.16 23.29 -5.57
C MET A 438 -1.19 24.38 -5.80
N LEU A 439 -1.80 24.87 -4.72
CA LEU A 439 -2.80 25.90 -4.81
C LEU A 439 -2.28 27.24 -5.33
N ASP A 440 -1.06 27.59 -4.92
CA ASP A 440 -0.44 28.80 -5.44
C ASP A 440 -0.32 28.70 -6.98
N LYS A 441 0.07 27.55 -7.50
CA LYS A 441 0.13 27.38 -8.95
C LYS A 441 -1.29 27.52 -9.53
N ALA A 442 -2.26 26.89 -8.87
CA ALA A 442 -3.67 26.99 -9.30
C ALA A 442 -4.16 28.45 -9.32
N VAL A 443 -3.80 29.21 -8.31
CA VAL A 443 -4.15 30.64 -8.31
C VAL A 443 -3.48 31.37 -9.49
N SER A 444 -2.19 31.13 -9.71
CA SER A 444 -1.47 31.84 -10.77
C SER A 444 -2.01 31.45 -12.15
N GLU A 445 -2.61 30.26 -12.26
CA GLU A 445 -3.32 29.89 -13.49
C GLU A 445 -4.79 30.37 -13.58
N ARG A 446 -5.24 31.10 -12.55
CA ARG A 446 -6.59 31.62 -12.52
C ARG A 446 -7.66 30.55 -12.48
N ILE A 447 -7.28 29.38 -11.99
CA ILE A 447 -8.26 28.35 -11.68
C ILE A 447 -8.87 28.57 -10.29
N VAL A 448 -8.00 28.64 -9.30
CA VAL A 448 -8.44 28.93 -7.93
C VAL A 448 -8.47 30.43 -7.76
N HIS A 449 -9.59 30.96 -7.28
CA HIS A 449 -9.72 32.39 -7.04
C HIS A 449 -8.86 32.78 -5.83
N ASP A 450 -9.07 32.10 -4.73
CA ASP A 450 -8.20 32.26 -3.56
C ASP A 450 -8.45 31.07 -2.67
N TYR A 451 -7.69 30.96 -1.59
CA TYR A 451 -7.91 29.93 -0.57
C TYR A 451 -7.51 30.44 0.79
N LYS A 452 -8.11 29.87 1.81
CA LYS A 452 -7.91 30.31 3.19
C LYS A 452 -7.90 29.10 4.10
N ASP A 453 -7.30 29.21 5.29
CA ASP A 453 -7.54 28.19 6.31
C ASP A 453 -8.99 28.28 6.85
N ILE A 454 -9.47 27.22 7.48
CA ILE A 454 -10.87 27.12 7.89
C ILE A 454 -11.29 28.28 8.83
N PHE A 455 -10.36 28.72 9.69
CA PHE A 455 -10.62 29.75 10.69
C PHE A 455 -10.83 31.10 10.02
N LYS A 456 -9.94 31.45 9.12
CA LYS A 456 -10.09 32.67 8.33
C LYS A 456 -11.33 32.60 7.45
N GLN A 457 -11.58 31.46 6.81
CA GLN A 457 -12.77 31.33 5.97
C GLN A 457 -14.05 31.52 6.77
N ALA A 458 -14.12 30.91 7.93
CA ALA A 458 -15.31 31.05 8.78
C ALA A 458 -15.50 32.52 9.16
N THR A 459 -14.41 33.17 9.55
CA THR A 459 -14.43 34.59 9.86
C THR A 459 -15.01 35.36 8.68
N GLU A 460 -14.52 35.09 7.48
CA GLU A 460 -14.99 35.79 6.29
C GLU A 460 -16.48 35.52 6.01
N ASP A 461 -16.93 34.29 6.27
CA ASP A 461 -18.33 33.91 6.04
C ASP A 461 -19.24 34.34 7.19
N ARG A 462 -18.67 35.03 8.17
CA ARG A 462 -19.42 35.42 9.35
C ARG A 462 -20.18 34.24 9.89
N LEU A 463 -19.50 33.10 10.00
CA LEU A 463 -20.09 31.91 10.58
C LEU A 463 -20.35 32.10 12.07
N THR A 464 -21.48 31.59 12.54
CA THR A 464 -21.81 31.66 13.97
C THR A 464 -22.10 30.31 14.58
N SER A 465 -22.46 29.32 13.75
CA SER A 465 -22.89 28.02 14.27
C SER A 465 -22.27 26.83 13.58
N ALA A 466 -22.08 25.76 14.34
CA ALA A 466 -21.52 24.52 13.82
C ALA A 466 -22.37 23.91 12.72
N LYS A 467 -23.67 24.21 12.71
CA LYS A 467 -24.53 23.65 11.66
C LYS A 467 -24.19 24.27 10.29
N GLU A 468 -23.38 25.32 10.27
CA GLU A 468 -23.02 25.98 9.02
C GLU A 468 -21.72 25.41 8.40
N LEU A 469 -21.04 24.53 9.12
CA LEU A 469 -19.82 23.93 8.62
C LEU A 469 -20.17 22.76 7.69
N PRO A 470 -19.57 22.71 6.50
CA PRO A 470 -19.67 21.55 5.61
C PRO A 470 -19.42 20.26 6.36
N TYR A 471 -20.22 19.24 6.05
CA TYR A 471 -20.22 18.00 6.81
C TYR A 471 -19.90 16.81 5.88
N PHE A 472 -18.65 16.35 5.90
CA PHE A 472 -18.17 15.37 4.90
C PHE A 472 -17.96 13.99 5.54
N GLU A 473 -18.15 12.96 4.74
CA GLU A 473 -17.92 11.63 5.23
C GLU A 473 -16.45 11.44 5.63
N GLY A 474 -16.23 10.93 6.83
CA GLY A 474 -14.89 10.61 7.27
C GLY A 474 -14.04 11.80 7.73
N ASP A 475 -14.56 13.01 7.65
CA ASP A 475 -13.75 14.20 7.92
C ASP A 475 -13.59 14.46 9.42
N PHE A 476 -12.58 15.24 9.75
CA PHE A 476 -12.28 15.65 11.12
C PHE A 476 -13.47 16.31 11.86
N TRP A 477 -14.12 17.25 11.19
CA TRP A 477 -15.05 18.14 11.86
C TRP A 477 -16.31 17.43 12.39
N PRO A 478 -16.88 16.48 11.62
CA PRO A 478 -18.01 15.74 12.24
C PRO A 478 -17.64 15.02 13.55
N ASN A 479 -16.41 14.53 13.65
CA ASN A 479 -16.00 13.83 14.87
C ASN A 479 -15.73 14.79 16.02
N VAL A 480 -15.08 15.90 15.73
CA VAL A 480 -14.72 16.81 16.80
C VAL A 480 -16.00 17.52 17.33
N LEU A 481 -16.99 17.73 16.47
CA LEU A 481 -18.26 18.27 16.90
C LEU A 481 -19.03 17.34 17.86
N GLU A 482 -19.06 16.04 17.58
CA GLU A 482 -19.59 15.08 18.55
C GLU A 482 -18.91 15.29 19.91
N GLU A 483 -17.58 15.24 19.94
CA GLU A 483 -16.79 15.38 21.18
C GLU A 483 -17.10 16.70 21.90
N SER A 484 -17.19 17.78 21.14
CA SER A 484 -17.45 19.10 21.68
C SER A 484 -18.82 19.21 22.34
N ILE A 485 -19.84 18.65 21.69
CA ILE A 485 -21.20 18.73 22.23
C ILE A 485 -21.25 17.95 23.54
N LYS A 486 -20.63 16.77 23.58
CA LYS A 486 -20.65 15.94 24.77
C LYS A 486 -19.84 16.57 25.93
N GLU A 487 -18.60 16.98 25.66
CA GLU A 487 -17.76 17.70 26.65
C GLU A 487 -18.46 18.89 27.28
N SER A 488 -19.11 19.73 26.47
CA SER A 488 -19.74 20.97 26.94
C SER A 488 -21.14 20.74 27.47
N GLY A 489 -21.61 19.51 27.38
CA GLY A 489 -22.93 19.16 27.85
C GLY A 489 -24.05 19.82 27.07
N GLY A 490 -23.84 20.07 25.78
CA GLY A 490 -24.95 20.47 24.93
C GLY A 490 -24.70 21.55 23.90
N SER A 491 -23.55 22.21 23.98
CA SER A 491 -23.23 23.25 23.03
C SER A 491 -22.54 22.69 21.80
N GLY A 492 -23.01 23.06 20.62
CA GLY A 492 -22.32 22.71 19.41
C GLY A 492 -21.24 23.71 19.00
N SER A 493 -21.37 24.97 19.53
CA SER A 493 -20.65 26.06 18.91
C SER A 493 -19.74 26.88 19.85
N GLN A 494 -19.82 26.62 21.16
CA GLN A 494 -19.10 27.41 22.19
C GLN A 494 -17.63 27.72 21.88
N LYS A 495 -16.85 26.68 21.59
CA LYS A 495 -15.41 26.84 21.40
C LYS A 495 -15.01 26.60 19.95
N LEU A 496 -15.99 26.80 19.07
CA LEU A 496 -15.83 26.46 17.65
C LEU A 496 -14.70 27.25 17.01
N TYR A 497 -14.77 28.58 17.12
CA TYR A 497 -13.69 29.42 16.62
C TYR A 497 -12.35 29.04 17.22
N ALA A 498 -12.34 28.71 18.52
CA ALA A 498 -11.10 28.31 19.17
C ALA A 498 -10.58 26.99 18.59
N THR A 499 -11.49 26.06 18.32
CA THR A 499 -11.07 24.79 17.75
C THR A 499 -10.57 24.99 16.31
N MET A 500 -11.25 25.85 15.56
CA MET A 500 -10.82 26.14 14.21
C MET A 500 -9.45 26.81 14.22
N GLU A 501 -9.24 27.75 15.15
CA GLU A 501 -7.99 28.49 15.14
C GLU A 501 -6.84 27.55 15.42
N LYS A 502 -7.07 26.68 16.40
CA LYS A 502 -6.11 25.71 16.90
C LYS A 502 -5.59 24.73 15.83
N HIS A 503 -6.48 24.34 14.92
CA HIS A 503 -6.17 23.35 13.89
C HIS A 503 -6.12 23.95 12.49
N LYS A 504 -6.01 25.27 12.40
CA LYS A 504 -6.33 25.92 11.15
C LYS A 504 -5.38 25.58 9.99
N GLU A 505 -4.10 25.36 10.28
CA GLU A 505 -3.08 25.14 9.23
C GLU A 505 -3.32 23.87 8.37
N VAL A 506 -4.18 23.01 8.90
CA VAL A 506 -4.43 21.67 8.40
C VAL A 506 -5.65 21.64 7.46
N PHE A 507 -6.46 22.69 7.50
CA PHE A 507 -7.77 22.69 6.82
C PHE A 507 -7.87 23.80 5.80
N PHE A 508 -7.88 23.41 4.53
CA PHE A 508 -7.93 24.34 3.40
C PHE A 508 -9.34 24.45 2.82
N VAL A 509 -9.78 25.68 2.60
CA VAL A 509 -10.99 25.97 1.87
C VAL A 509 -10.63 26.74 0.61
N ILE A 510 -11.04 26.21 -0.53
CA ILE A 510 -10.53 26.63 -1.82
C ILE A 510 -11.65 27.19 -2.67
N ARG A 511 -11.61 28.48 -2.96
CA ARG A 511 -12.69 29.14 -3.69
C ARG A 511 -12.44 29.06 -5.18
N LEU A 512 -13.28 28.28 -5.84
CA LEU A 512 -13.22 28.10 -7.28
C LEU A 512 -14.08 29.13 -7.98
N ILE A 513 -15.28 29.39 -7.45
CA ILE A 513 -16.18 30.37 -8.04
C ILE A 513 -16.55 31.36 -6.94
N ALA A 514 -16.22 32.62 -7.19
CA ALA A 514 -16.25 33.63 -6.16
C ALA A 514 -17.45 34.57 -6.30
N GLY A 515 -18.01 34.96 -5.16
CA GLY A 515 -18.86 36.13 -5.07
C GLY A 515 -20.23 35.97 -5.69
N PRO A 516 -20.67 36.96 -6.48
CA PRO A 516 -22.07 37.01 -6.89
C PRO A 516 -22.38 35.90 -7.90
N ALA A 517 -21.35 35.48 -8.65
CA ALA A 517 -21.49 34.44 -9.64
C ALA A 517 -21.82 33.10 -9.00
N ALA A 518 -21.41 32.92 -7.75
CA ALA A 518 -21.65 31.67 -7.07
C ALA A 518 -23.12 31.48 -6.65
N ASN A 519 -23.93 32.53 -6.81
CA ASN A 519 -25.31 32.52 -6.30
C ASN A 519 -26.39 32.25 -7.34
N SER A 520 -26.02 32.38 -8.62
CA SER A 520 -26.98 32.26 -9.72
C SER A 520 -26.61 31.18 -10.76
N LEU A 521 -25.96 30.11 -10.32
CA LEU A 521 -25.42 29.12 -11.24
C LEU A 521 -26.52 28.17 -11.72
N PRO A 522 -26.37 27.61 -12.93
CA PRO A 522 -27.31 26.58 -13.38
C PRO A 522 -27.05 25.29 -12.64
N PRO A 523 -27.93 24.31 -12.80
CA PRO A 523 -27.75 23.01 -12.16
C PRO A 523 -26.41 22.38 -12.53
N ILE A 524 -25.86 21.57 -11.63
CA ILE A 524 -24.63 20.82 -11.96
C ILE A 524 -25.09 19.56 -12.65
N VAL A 525 -24.58 19.37 -13.87
CA VAL A 525 -24.85 18.18 -14.66
C VAL A 525 -23.51 17.53 -15.02
N ASP A 526 -23.28 16.35 -14.47
CA ASP A 526 -22.07 15.60 -14.74
C ASP A 526 -22.30 14.78 -16.02
N PRO A 527 -21.46 14.98 -17.04
CA PRO A 527 -21.65 14.24 -18.29
C PRO A 527 -21.18 12.80 -18.18
N ASP A 528 -20.37 12.46 -17.18
CA ASP A 528 -19.87 11.10 -17.08
C ASP A 528 -20.92 10.22 -16.40
N PRO A 529 -21.07 8.98 -16.85
CA PRO A 529 -22.03 8.06 -16.26
C PRO A 529 -21.52 7.52 -14.94
N LEU A 530 -22.40 6.90 -14.17
CA LEU A 530 -22.00 6.19 -12.98
C LEU A 530 -21.16 5.00 -13.39
N ILE A 531 -20.26 4.58 -12.49
CA ILE A 531 -19.36 3.49 -12.80
C ILE A 531 -19.34 2.55 -11.59
N PRO A 532 -20.11 1.47 -11.65
CA PRO A 532 -20.17 0.49 -10.56
C PRO A 532 -18.93 -0.42 -10.44
N CYS A 533 -18.18 -0.25 -9.35
CA CYS A 533 -17.00 -1.06 -9.06
C CYS A 533 -16.88 -1.15 -7.55
N ASP A 534 -17.31 -2.26 -6.96
CA ASP A 534 -17.30 -2.38 -5.51
C ASP A 534 -15.89 -2.36 -4.96
N LEU A 535 -14.94 -2.84 -5.75
CA LEU A 535 -13.57 -2.88 -5.31
C LEU A 535 -13.03 -1.48 -4.97
N MET A 536 -13.59 -0.45 -5.59
CA MET A 536 -13.08 0.90 -5.48
C MET A 536 -14.10 1.87 -4.89
N ASP A 537 -15.08 1.31 -4.17
CA ASP A 537 -16.04 2.11 -3.41
C ASP A 537 -15.38 2.46 -2.06
N GLY A 538 -14.67 3.57 -2.01
CA GLY A 538 -13.83 3.88 -0.86
C GLY A 538 -12.56 3.04 -0.83
N ARG A 539 -11.63 3.37 0.08
CA ARG A 539 -10.33 2.75 0.16
C ARG A 539 -10.27 1.31 0.70
N ASP A 540 -11.23 0.91 1.51
CA ASP A 540 -11.11 -0.36 2.24
C ASP A 540 -11.00 -1.60 1.36
N ALA A 541 -11.79 -1.70 0.31
CA ALA A 541 -11.89 -2.95 -0.44
C ALA A 541 -10.57 -3.26 -1.14
N PHE A 542 -9.91 -2.24 -1.70
CA PHE A 542 -8.69 -2.51 -2.44
C PHE A 542 -7.54 -2.79 -1.44
N LEU A 543 -7.56 -2.16 -0.28
CA LEU A 543 -6.57 -2.48 0.75
C LEU A 543 -6.75 -3.95 1.21
N THR A 544 -7.99 -4.36 1.37
CA THR A 544 -8.30 -5.72 1.80
C THR A 544 -7.87 -6.74 0.77
N LEU A 545 -8.25 -6.52 -0.47
CA LEU A 545 -7.78 -7.36 -1.57
C LEU A 545 -6.27 -7.50 -1.60
N ALA A 546 -5.58 -6.37 -1.51
CA ALA A 546 -4.10 -6.35 -1.60
C ALA A 546 -3.47 -7.16 -0.47
N ARG A 547 -3.99 -6.94 0.74
CA ARG A 547 -3.55 -7.71 1.89
C ARG A 547 -3.83 -9.20 1.76
N ASP A 548 -5.02 -9.55 1.29
CA ASP A 548 -5.36 -10.97 1.14
C ASP A 548 -4.61 -11.68 -0.01
N LYS A 549 -4.09 -10.91 -0.97
CA LYS A 549 -3.41 -11.55 -2.10
C LYS A 549 -1.93 -11.21 -2.21
N HIS A 550 -1.35 -10.64 -1.16
CA HIS A 550 0.05 -10.25 -1.16
C HIS A 550 0.39 -9.32 -2.33
N LEU A 551 -0.46 -8.31 -2.53
CA LEU A 551 -0.20 -7.29 -3.52
C LEU A 551 0.38 -6.05 -2.84
N GLU A 552 1.70 -6.03 -2.73
CA GLU A 552 2.41 -4.92 -2.12
C GLU A 552 2.87 -3.89 -3.16
N PHE A 553 3.06 -2.66 -2.70
CA PHE A 553 3.63 -1.63 -3.57
C PHE A 553 4.99 -1.20 -3.02
N SER A 554 5.73 -2.18 -2.49
CA SER A 554 6.92 -1.93 -1.66
C SER A 554 8.25 -1.94 -2.44
N SER A 555 8.18 -2.29 -3.72
CA SER A 555 9.34 -2.26 -4.60
C SER A 555 8.82 -2.10 -6.03
N LEU A 556 9.71 -1.77 -6.95
CA LEU A 556 9.27 -1.60 -8.31
C LEU A 556 8.67 -2.92 -8.80
N ARG A 557 9.34 -4.05 -8.55
CA ARG A 557 8.84 -5.32 -9.11
C ARG A 557 7.51 -5.73 -8.47
N ARG A 558 7.37 -5.54 -7.17
CA ARG A 558 6.11 -5.94 -6.54
C ARG A 558 4.99 -4.98 -6.96
N ALA A 559 5.30 -3.70 -7.15
CA ALA A 559 4.28 -2.75 -7.56
C ALA A 559 3.83 -3.07 -9.01
N GLN A 560 4.77 -3.49 -9.82
CA GLN A 560 4.40 -3.87 -11.17
C GLN A 560 3.49 -5.11 -11.16
N TRP A 561 3.83 -6.10 -10.36
CA TRP A 561 2.92 -7.23 -10.16
C TRP A 561 1.57 -6.79 -9.62
N SER A 562 1.58 -5.94 -8.61
CA SER A 562 0.34 -5.57 -7.99
C SER A 562 -0.51 -4.76 -8.95
N THR A 563 0.14 -3.93 -9.79
CA THR A 563 -0.61 -3.18 -10.77
C THR A 563 -1.26 -4.13 -11.76
N MET A 564 -0.47 -5.09 -12.23
CA MET A 564 -0.98 -6.08 -13.17
C MET A 564 -2.20 -6.83 -12.60
N CYS A 565 -2.16 -7.22 -11.33
CA CYS A 565 -3.28 -7.92 -10.73
C CYS A 565 -4.48 -7.00 -10.53
N MET A 566 -4.21 -5.77 -10.09
CA MET A 566 -5.26 -4.75 -9.94
C MET A 566 -6.00 -4.54 -11.27
N LEU A 567 -5.24 -4.44 -12.36
CA LEU A 567 -5.84 -4.19 -13.67
C LEU A 567 -6.69 -5.36 -14.16
N VAL A 568 -6.23 -6.59 -13.91
CA VAL A 568 -7.06 -7.77 -14.22
C VAL A 568 -8.38 -7.70 -13.44
N GLU A 569 -8.31 -7.37 -12.16
CA GLU A 569 -9.50 -7.29 -11.34
C GLU A 569 -10.46 -6.22 -11.86
N LEU A 570 -9.93 -5.03 -12.18
CA LEU A 570 -10.75 -3.96 -12.72
C LEU A 570 -11.38 -4.33 -14.08
N HIS A 571 -10.64 -5.00 -14.93
CA HIS A 571 -11.18 -5.43 -16.22
C HIS A 571 -12.21 -6.56 -16.14
N THR A 572 -12.05 -7.46 -15.16
CA THR A 572 -12.88 -8.68 -15.11
C THR A 572 -14.08 -8.55 -14.19
N GLN A 573 -14.10 -7.55 -13.33
CA GLN A 573 -15.20 -7.44 -12.37
C GLN A 573 -15.81 -6.04 -12.45
#